data_1Q1Q
#
_entry.id   1Q1Q
#
_cell.length_a   75.244
_cell.length_b   75.244
_cell.length_c   252.246
_cell.angle_alpha   90.00
_cell.angle_beta   90.00
_cell.angle_gamma   90.00
#
_symmetry.space_group_name_H-M   'P 41 21 2'
#
loop_
_entity.id
_entity.type
_entity.pdbx_description
1 polymer 'sulfotransferase family, cytosolic, 2B, member 1 isoform a'
2 non-polymer 'SODIUM ION'
3 non-polymer "ADENOSINE-3'-5'-DIPHOSPHATE"
4 non-polymer '2-[N-CYCLOHEXYLAMINO]ETHANE SULFONIC ACID'
5 water water
#
_entity_poly.entity_id   1
_entity_poly.type   'polypeptide(L)'
_entity_poly.pdbx_seq_one_letter_code
;MASPPPFHSQKLPGEYFRYKGVPFPVGLYSLESISLAENTQDVRDDDIFIITYPKSGTTWMIEIICLILKEGDPSWIRSV
PIWERAPWCETIVGAFSLPDQYSPRLMSSHLPIQIFTKAFFSSKAKVIYMGRNPRDVVVSLYHYSKIAGQLKDPGTPDQF
LRDFLKGEVQFGSWFDHIKGWLRMKGKDNFLFITYEELQQDLQGSVERICGFLGRPLGKEALGSVVAHSTFSAMKANTMS
NYTLLPPSLLDHRRGAFLRKGVCGDWKNHFTVAQSEAFDRAYRKQMRGMPTFPWDEDPEEDGSPDPEPSPEPEPKPSLEP
NTSLEREPRPNSSPSPSPGQASETPHPRPS
;
_entity_poly.pdbx_strand_id   A
#
loop_
_chem_comp.id
_chem_comp.type
_chem_comp.name
_chem_comp.formula
A3P RNA linking ADENOSINE-3'-5'-DIPHOSPHATE 'C10 H15 N5 O10 P2'
NA non-polymer 'SODIUM ION' 'Na 1'
NHE non-polymer '2-[N-CYCLOHEXYLAMINO]ETHANE SULFONIC ACID' 'C8 H17 N O3 S'
#
# COMPACT_ATOMS: atom_id res chain seq x y z
N LEU A 12 -21.28 -10.27 -0.05
CA LEU A 12 -20.09 -9.69 0.65
C LEU A 12 -20.59 -8.78 1.79
N PRO A 13 -20.47 -9.26 3.06
CA PRO A 13 -20.89 -8.58 4.30
C PRO A 13 -20.34 -7.20 4.66
N GLY A 14 -19.03 -7.03 4.57
CA GLY A 14 -18.49 -5.74 4.95
C GLY A 14 -18.35 -5.68 6.48
N GLU A 15 -17.73 -6.74 7.00
CA GLU A 15 -17.46 -6.91 8.43
C GLU A 15 -15.98 -7.31 8.59
N TYR A 16 -15.52 -7.30 9.83
CA TYR A 16 -14.15 -7.68 10.15
C TYR A 16 -14.16 -8.98 10.95
N PHE A 17 -13.08 -9.74 10.81
CA PHE A 17 -12.90 -10.96 11.60
C PHE A 17 -11.44 -10.78 12.05
N ARG A 18 -10.98 -11.54 13.04
CA ARG A 18 -9.60 -11.37 13.51
C ARG A 18 -8.64 -12.57 13.37
N TYR A 19 -7.39 -12.27 13.03
CA TYR A 19 -6.36 -13.30 12.90
C TYR A 19 -5.19 -12.97 13.81
N LYS A 20 -4.99 -13.77 14.85
CA LYS A 20 -3.91 -13.54 15.81
C LYS A 20 -4.05 -12.10 16.35
N GLY A 21 -5.31 -11.66 16.50
CA GLY A 21 -5.58 -10.34 17.02
C GLY A 21 -5.74 -9.19 16.04
N VAL A 22 -5.52 -9.46 14.76
CA VAL A 22 -5.65 -8.41 13.76
C VAL A 22 -6.95 -8.47 12.95
N PRO A 23 -7.57 -7.30 12.72
CA PRO A 23 -8.83 -7.16 11.97
C PRO A 23 -8.68 -7.30 10.47
N PHE A 24 -9.53 -8.13 9.88
CA PHE A 24 -9.52 -8.34 8.44
C PHE A 24 -10.95 -8.32 7.90
N PRO A 25 -11.13 -7.86 6.65
CA PRO A 25 -12.45 -7.77 5.98
C PRO A 25 -12.95 -9.15 5.58
N VAL A 26 -14.23 -9.41 5.82
CA VAL A 26 -14.85 -10.69 5.47
C VAL A 26 -14.90 -10.75 3.95
N GLY A 27 -14.61 -11.92 3.38
CA GLY A 27 -14.66 -12.02 1.93
C GLY A 27 -13.33 -12.11 1.22
N LEU A 28 -12.62 -10.98 1.08
CA LEU A 28 -11.33 -11.00 0.38
C LEU A 28 -10.32 -11.80 1.19
N TYR A 29 -10.60 -11.95 2.48
CA TYR A 29 -9.72 -12.64 3.41
C TYR A 29 -10.46 -13.70 4.24
N SER A 30 -9.70 -14.67 4.74
CA SER A 30 -10.22 -15.76 5.56
C SER A 30 -9.07 -16.29 6.42
N LEU A 31 -9.39 -16.90 7.56
CA LEU A 31 -8.35 -17.43 8.44
C LEU A 31 -7.35 -18.18 7.52
N GLU A 32 -7.92 -19.02 6.66
CA GLU A 32 -7.14 -19.84 5.72
C GLU A 32 -6.09 -19.07 4.94
N SER A 33 -6.53 -18.04 4.21
CA SER A 33 -5.60 -17.28 3.40
C SER A 33 -4.45 -16.68 4.22
N ILE A 34 -4.77 -15.81 5.17
CA ILE A 34 -3.73 -15.17 5.98
C ILE A 34 -2.70 -16.20 6.46
N SER A 35 -3.17 -17.26 7.10
CA SER A 35 -2.29 -18.32 7.58
C SER A 35 -1.31 -18.75 6.47
N LEU A 36 -1.86 -19.28 5.38
CA LEU A 36 -1.04 -19.73 4.26
C LEU A 36 0.09 -18.73 4.00
N ALA A 37 -0.27 -17.46 3.95
CA ALA A 37 0.72 -16.41 3.70
C ALA A 37 1.78 -16.38 4.81
N GLU A 38 1.33 -16.41 6.05
CA GLU A 38 2.24 -16.35 7.18
C GLU A 38 3.23 -17.53 7.23
N ASN A 39 2.66 -18.73 7.11
CA ASN A 39 3.37 -20.00 7.18
C ASN A 39 3.84 -20.67 5.86
N THR A 40 3.68 -20.00 4.73
CA THR A 40 4.13 -20.62 3.47
C THR A 40 5.64 -20.74 3.47
N GLN A 41 6.14 -21.58 2.57
CA GLN A 41 7.57 -21.79 2.44
C GLN A 41 8.07 -21.27 1.10
N ASP A 42 7.14 -21.09 0.16
CA ASP A 42 7.53 -20.63 -1.17
C ASP A 42 8.03 -19.17 -1.25
N VAL A 43 9.28 -18.93 -0.84
CA VAL A 43 9.85 -17.58 -0.91
C VAL A 43 11.14 -17.74 -1.71
N ARG A 44 11.35 -16.90 -2.71
CA ARG A 44 12.53 -17.07 -3.55
C ARG A 44 13.49 -15.89 -3.56
N ASP A 45 14.78 -16.19 -3.64
CA ASP A 45 15.82 -15.17 -3.66
C ASP A 45 15.54 -13.96 -4.55
N ASP A 46 14.90 -14.20 -5.70
CA ASP A 46 14.60 -13.13 -6.66
C ASP A 46 13.18 -12.55 -6.56
N ASP A 47 12.36 -13.09 -5.65
CA ASP A 47 11.00 -12.60 -5.45
C ASP A 47 11.03 -11.14 -5.03
N ILE A 48 9.94 -10.42 -5.29
CA ILE A 48 9.86 -9.03 -4.88
C ILE A 48 8.51 -8.77 -4.21
N PHE A 49 8.59 -8.16 -3.03
CA PHE A 49 7.41 -7.84 -2.23
C PHE A 49 7.20 -6.34 -2.04
N ILE A 50 5.96 -5.93 -2.21
CA ILE A 50 5.62 -4.54 -1.98
C ILE A 50 4.81 -4.63 -0.71
N ILE A 51 5.26 -3.92 0.31
CA ILE A 51 4.55 -3.97 1.55
C ILE A 51 4.21 -2.57 2.01
N THR A 52 2.93 -2.39 2.36
CA THR A 52 2.41 -1.10 2.77
C THR A 52 1.16 -1.28 3.60
N TYR A 53 0.77 -0.19 4.25
CA TYR A 53 -0.47 -0.13 5.03
C TYR A 53 -1.46 0.47 4.01
N PRO A 54 -2.65 -0.12 3.87
CA PRO A 54 -3.65 0.39 2.92
C PRO A 54 -3.67 1.91 2.73
N LYS A 55 -3.98 2.32 1.51
CA LYS A 55 -4.11 3.73 1.15
C LYS A 55 -2.81 4.52 1.22
N SER A 56 -1.68 3.81 1.31
CA SER A 56 -0.40 4.49 1.36
C SER A 56 0.15 4.73 -0.04
N GLY A 57 -0.53 4.16 -1.05
CA GLY A 57 -0.10 4.31 -2.42
C GLY A 57 0.58 3.04 -2.90
N THR A 58 0.01 1.90 -2.54
CA THR A 58 0.56 0.62 -2.95
C THR A 58 0.54 0.58 -4.46
N THR A 59 -0.67 0.79 -4.98
CA THR A 59 -0.97 0.82 -6.40
C THR A 59 0.13 1.57 -7.14
N TRP A 60 0.38 2.81 -6.77
CA TRP A 60 1.43 3.61 -7.42
C TRP A 60 2.71 2.78 -7.60
N MET A 61 3.22 2.22 -6.50
CA MET A 61 4.45 1.42 -6.53
C MET A 61 4.26 0.17 -7.39
N ILE A 62 3.18 -0.57 -7.15
CA ILE A 62 2.89 -1.78 -7.93
C ILE A 62 3.08 -1.51 -9.42
N GLU A 63 2.79 -0.29 -9.86
CA GLU A 63 2.97 0.01 -11.25
C GLU A 63 4.45 0.30 -11.50
N ILE A 64 4.98 1.33 -10.84
CA ILE A 64 6.38 1.71 -11.02
C ILE A 64 7.29 0.51 -11.24
N ILE A 65 7.14 -0.50 -10.37
CA ILE A 65 7.95 -1.71 -10.46
C ILE A 65 7.68 -2.56 -11.70
N CYS A 66 6.39 -2.68 -12.07
CA CYS A 66 6.00 -3.44 -13.28
C CYS A 66 6.71 -2.84 -14.50
N LEU A 67 6.81 -1.52 -14.56
CA LEU A 67 7.49 -0.85 -15.67
C LEU A 67 8.98 -1.15 -15.62
N ILE A 68 9.55 -1.03 -14.43
CA ILE A 68 10.97 -1.31 -14.23
C ILE A 68 11.27 -2.70 -14.79
N LEU A 69 10.50 -3.70 -14.35
CA LEU A 69 10.66 -5.07 -14.81
C LEU A 69 10.76 -5.16 -16.33
N LYS A 70 9.74 -4.64 -17.03
CA LYS A 70 9.70 -4.65 -18.50
C LYS A 70 10.46 -3.45 -19.09
N GLU A 71 11.46 -2.96 -18.38
CA GLU A 71 12.27 -1.81 -18.81
C GLU A 71 11.52 -0.64 -19.42
N GLY A 72 10.21 -0.61 -19.21
CA GLY A 72 9.42 0.49 -19.74
C GLY A 72 8.39 0.11 -20.78
N ASP A 73 8.26 -1.18 -21.10
CA ASP A 73 7.27 -1.60 -22.08
C ASP A 73 5.90 -1.72 -21.41
N PRO A 74 5.06 -0.68 -21.61
CA PRO A 74 3.70 -0.55 -21.07
C PRO A 74 2.86 -1.75 -21.42
N SER A 75 3.34 -2.50 -22.40
CA SER A 75 2.61 -3.66 -22.86
C SER A 75 1.95 -4.40 -21.69
N TRP A 76 2.75 -4.84 -20.74
CA TRP A 76 2.23 -5.60 -19.61
C TRP A 76 1.11 -4.88 -18.81
N ILE A 77 1.40 -3.68 -18.33
CA ILE A 77 0.43 -2.92 -17.53
C ILE A 77 -0.83 -2.49 -18.28
N ARG A 78 -0.79 -2.59 -19.62
CA ARG A 78 -1.94 -2.23 -20.44
C ARG A 78 -2.83 -3.44 -20.59
N SER A 79 -2.21 -4.57 -20.86
CA SER A 79 -2.93 -5.81 -21.07
C SER A 79 -3.50 -6.53 -19.84
N VAL A 80 -2.72 -6.56 -18.76
CA VAL A 80 -3.16 -7.26 -17.54
C VAL A 80 -3.60 -6.33 -16.44
N PRO A 81 -4.60 -6.74 -15.63
CA PRO A 81 -5.00 -5.84 -14.55
C PRO A 81 -3.82 -5.61 -13.60
N ILE A 82 -4.07 -4.95 -12.47
CA ILE A 82 -3.01 -4.64 -11.52
C ILE A 82 -2.91 -5.65 -10.38
N TRP A 83 -4.03 -6.20 -9.97
CA TRP A 83 -4.07 -7.18 -8.88
C TRP A 83 -3.65 -8.57 -9.35
N GLU A 84 -3.01 -8.58 -10.52
CA GLU A 84 -2.51 -9.80 -11.15
C GLU A 84 -1.03 -9.56 -11.49
N ARG A 85 -0.58 -8.31 -11.42
CA ARG A 85 0.82 -8.00 -11.71
C ARG A 85 1.61 -8.09 -10.40
N ALA A 86 0.97 -7.69 -9.29
CA ALA A 86 1.59 -7.73 -7.96
C ALA A 86 0.56 -8.23 -6.94
N PRO A 87 0.17 -9.53 -7.08
CA PRO A 87 -0.86 -10.20 -6.22
C PRO A 87 -0.73 -10.18 -4.70
N TRP A 88 -1.77 -9.83 -3.96
CA TRP A 88 -1.63 -9.83 -2.50
C TRP A 88 -1.58 -11.23 -1.89
N CYS A 89 -0.58 -11.44 -1.05
CA CYS A 89 -0.36 -12.73 -0.38
C CYS A 89 -1.55 -13.20 0.46
N GLU A 90 -1.93 -12.38 1.43
CA GLU A 90 -3.02 -12.70 2.35
C GLU A 90 -4.40 -12.95 1.73
N THR A 91 -4.69 -12.28 0.61
CA THR A 91 -5.99 -12.43 -0.06
C THR A 91 -6.37 -13.89 -0.32
N ILE A 92 -7.69 -14.15 -0.38
CA ILE A 92 -8.16 -15.51 -0.63
C ILE A 92 -7.45 -16.08 -1.84
N VAL A 93 -7.09 -15.22 -2.78
CA VAL A 93 -6.40 -15.73 -3.95
C VAL A 93 -4.94 -15.25 -3.98
N GLY A 94 -4.14 -15.85 -3.10
CA GLY A 94 -2.74 -15.51 -2.96
C GLY A 94 -1.79 -16.17 -3.94
N ALA A 95 -0.77 -15.41 -4.34
CA ALA A 95 0.25 -15.86 -5.30
C ALA A 95 0.96 -17.14 -4.88
N SER A 103 8.33 -16.59 -11.78
CA SER A 103 9.52 -15.81 -11.38
C SER A 103 10.06 -15.00 -12.57
N PRO A 104 10.53 -13.75 -12.35
CA PRO A 104 10.61 -13.00 -11.09
C PRO A 104 9.21 -12.65 -10.61
N ARG A 105 8.82 -13.13 -9.43
CA ARG A 105 7.49 -12.83 -8.90
C ARG A 105 7.40 -11.48 -8.21
N LEU A 106 6.34 -10.74 -8.52
CA LEU A 106 6.10 -9.44 -7.88
C LEU A 106 4.80 -9.65 -7.10
N MET A 107 4.90 -9.57 -5.78
CA MET A 107 3.75 -9.77 -4.92
C MET A 107 3.65 -8.54 -4.01
N SER A 108 2.53 -8.40 -3.33
CA SER A 108 2.31 -7.27 -2.44
C SER A 108 1.63 -7.74 -1.18
N SER A 109 1.76 -6.96 -0.11
CA SER A 109 1.13 -7.33 1.13
C SER A 109 0.91 -6.15 2.07
N HIS A 110 -0.22 -6.20 2.80
CA HIS A 110 -0.59 -5.17 3.77
C HIS A 110 -0.45 -5.71 5.18
N LEU A 111 0.07 -6.93 5.29
CA LEU A 111 0.24 -7.59 6.58
C LEU A 111 1.29 -6.94 7.48
N PRO A 112 1.01 -6.87 8.79
CA PRO A 112 1.96 -6.28 9.75
C PRO A 112 3.11 -7.27 9.94
N ILE A 113 4.31 -6.76 10.16
CA ILE A 113 5.51 -7.62 10.34
C ILE A 113 5.35 -8.89 11.16
N GLN A 114 4.40 -8.93 12.09
CA GLN A 114 4.22 -10.14 12.90
C GLN A 114 3.32 -11.21 12.28
N ILE A 115 2.72 -10.93 11.13
CA ILE A 115 1.85 -11.91 10.46
C ILE A 115 2.39 -12.26 9.08
N PHE A 116 3.22 -11.37 8.54
CA PHE A 116 3.81 -11.56 7.23
C PHE A 116 4.45 -12.95 7.10
N THR A 117 4.80 -13.33 5.87
CA THR A 117 5.41 -14.63 5.59
C THR A 117 6.74 -14.78 6.36
N LYS A 118 6.74 -15.62 7.39
CA LYS A 118 7.94 -15.82 8.21
C LYS A 118 9.17 -16.28 7.42
N ALA A 119 9.00 -17.31 6.61
CA ALA A 119 10.09 -17.85 5.80
C ALA A 119 10.89 -16.70 5.15
N PHE A 120 10.31 -15.51 5.14
CA PHE A 120 10.99 -14.39 4.55
C PHE A 120 12.31 -14.08 5.23
N PHE A 121 12.20 -13.71 6.51
CA PHE A 121 13.32 -13.31 7.38
C PHE A 121 14.70 -13.94 7.16
N SER A 122 14.71 -15.23 6.85
CA SER A 122 15.97 -15.92 6.60
C SER A 122 16.40 -15.91 5.12
N SER A 123 15.50 -15.48 4.23
CA SER A 123 15.75 -15.46 2.77
C SER A 123 16.27 -14.14 2.17
N LYS A 124 16.85 -14.24 0.98
CA LYS A 124 17.42 -13.07 0.29
C LYS A 124 16.40 -12.25 -0.52
N ALA A 125 15.12 -12.64 -0.43
CA ALA A 125 14.02 -11.97 -1.12
C ALA A 125 14.11 -10.45 -0.88
N LYS A 126 13.44 -9.65 -1.72
CA LYS A 126 13.47 -8.19 -1.56
C LYS A 126 12.16 -7.61 -1.05
N VAL A 127 12.25 -6.52 -0.30
CA VAL A 127 11.04 -5.87 0.23
C VAL A 127 11.12 -4.35 0.21
N ILE A 128 10.10 -3.74 -0.38
CA ILE A 128 10.01 -2.31 -0.48
C ILE A 128 8.80 -1.86 0.34
N TYR A 129 9.07 -1.24 1.50
CA TYR A 129 8.00 -0.75 2.35
C TYR A 129 7.72 0.69 1.95
N MET A 130 6.47 0.95 1.55
CA MET A 130 6.10 2.31 1.18
C MET A 130 5.33 2.88 2.36
N GLY A 131 5.65 4.11 2.76
CA GLY A 131 4.95 4.72 3.87
C GLY A 131 4.32 6.04 3.47
N ARG A 132 3.09 6.30 3.93
CA ARG A 132 2.41 7.55 3.60
C ARG A 132 2.05 8.34 4.86
N ASN A 133 1.87 9.65 4.73
CA ASN A 133 1.51 10.47 5.88
C ASN A 133 0.25 9.89 6.52
N PRO A 134 0.35 9.37 7.75
CA PRO A 134 -0.83 8.79 8.38
C PRO A 134 -2.15 9.55 8.15
N ARG A 135 -2.08 10.88 8.16
CA ARG A 135 -3.27 11.71 7.97
C ARG A 135 -3.96 11.47 6.64
N ASP A 136 -3.20 11.62 5.55
CA ASP A 136 -3.75 11.42 4.22
C ASP A 136 -4.30 10.01 4.11
N VAL A 137 -3.59 9.04 4.67
CA VAL A 137 -4.01 7.65 4.63
C VAL A 137 -5.43 7.51 5.18
N VAL A 138 -5.79 8.35 6.14
CA VAL A 138 -7.10 8.24 6.73
C VAL A 138 -8.12 8.84 5.80
N VAL A 139 -7.84 10.05 5.33
CA VAL A 139 -8.75 10.70 4.41
C VAL A 139 -8.98 9.74 3.25
N SER A 140 -7.88 9.21 2.72
CA SER A 140 -7.93 8.30 1.59
C SER A 140 -8.76 7.06 1.85
N LEU A 141 -8.63 6.50 3.05
CA LEU A 141 -9.37 5.30 3.42
C LEU A 141 -10.85 5.65 3.61
N TYR A 142 -11.09 6.84 4.15
CA TYR A 142 -12.44 7.32 4.40
C TYR A 142 -13.25 7.21 3.14
N HIS A 143 -12.88 7.98 2.13
CA HIS A 143 -13.58 7.95 0.86
C HIS A 143 -13.67 6.53 0.30
N TYR A 144 -12.53 5.86 0.13
CA TYR A 144 -12.54 4.51 -0.40
C TYR A 144 -13.62 3.64 0.22
N SER A 145 -13.60 3.52 1.55
CA SER A 145 -14.57 2.69 2.26
C SER A 145 -16.01 2.85 1.74
N LYS A 146 -16.34 4.06 1.29
CA LYS A 146 -17.67 4.37 0.78
C LYS A 146 -18.00 3.62 -0.53
N ILE A 147 -16.99 3.36 -1.35
CA ILE A 147 -17.24 2.66 -2.59
C ILE A 147 -16.70 1.22 -2.56
N ALA A 148 -16.13 0.83 -1.42
CA ALA A 148 -15.57 -0.53 -1.26
C ALA A 148 -16.60 -1.54 -0.74
N GLY A 149 -16.77 -2.63 -1.48
CA GLY A 149 -17.72 -3.66 -1.12
C GLY A 149 -17.35 -4.48 0.09
N GLN A 150 -16.05 -4.67 0.30
CA GLN A 150 -15.58 -5.45 1.44
C GLN A 150 -15.59 -4.63 2.73
N LEU A 151 -15.65 -3.30 2.61
CA LEU A 151 -15.62 -2.41 3.78
C LEU A 151 -16.91 -1.69 4.21
N LYS A 152 -17.12 -1.67 5.52
CA LYS A 152 -18.29 -1.00 6.10
C LYS A 152 -18.13 0.51 5.93
N ASP A 153 -19.25 1.19 5.73
CA ASP A 153 -19.26 2.63 5.51
C ASP A 153 -18.76 3.47 6.69
N PRO A 154 -17.83 4.40 6.40
CA PRO A 154 -17.20 5.30 7.35
C PRO A 154 -17.94 5.61 8.65
N GLY A 155 -19.21 6.00 8.55
CA GLY A 155 -19.90 6.37 9.77
C GLY A 155 -19.40 7.78 10.05
N THR A 156 -19.76 8.37 11.19
CA THR A 156 -19.32 9.74 11.48
C THR A 156 -17.82 9.99 11.40
N PRO A 157 -17.40 11.17 10.87
CA PRO A 157 -15.98 11.48 10.74
C PRO A 157 -15.21 11.17 12.01
N ASP A 158 -15.44 11.95 13.06
CA ASP A 158 -14.78 11.75 14.35
C ASP A 158 -14.64 10.25 14.67
N GLN A 159 -15.78 9.56 14.67
CA GLN A 159 -15.78 8.15 14.99
C GLN A 159 -14.80 7.39 14.10
N PHE A 160 -14.79 7.71 12.81
CA PHE A 160 -13.90 7.06 11.87
C PHE A 160 -12.45 7.34 12.28
N LEU A 161 -12.16 8.61 12.60
CA LEU A 161 -10.84 9.03 13.02
C LEU A 161 -10.41 8.42 14.35
N ARG A 162 -11.39 8.18 15.24
CA ARG A 162 -11.14 7.58 16.55
C ARG A 162 -10.73 6.13 16.37
N ASP A 163 -11.38 5.43 15.45
CA ASP A 163 -11.04 4.03 15.20
C ASP A 163 -9.66 3.93 14.54
N PHE A 164 -9.37 4.85 13.63
CA PHE A 164 -8.08 4.80 12.95
C PHE A 164 -6.93 4.93 13.95
N LEU A 165 -6.99 5.95 14.80
CA LEU A 165 -5.94 6.15 15.79
C LEU A 165 -5.86 4.97 16.73
N LYS A 166 -7.04 4.43 17.06
CA LYS A 166 -7.16 3.29 17.97
C LYS A 166 -6.78 1.95 17.30
N GLY A 167 -6.49 1.98 16.00
CA GLY A 167 -6.12 0.76 15.31
C GLY A 167 -7.31 -0.18 15.18
N GLU A 168 -8.50 0.40 15.18
CA GLU A 168 -9.71 -0.37 15.05
C GLU A 168 -10.20 -0.33 13.60
N VAL A 169 -9.35 -0.80 12.71
CA VAL A 169 -9.66 -0.85 11.31
C VAL A 169 -8.93 -2.01 10.69
N GLN A 170 -9.26 -2.30 9.45
CA GLN A 170 -8.64 -3.40 8.74
C GLN A 170 -7.10 -3.30 8.79
N PHE A 171 -6.46 -4.36 9.28
CA PHE A 171 -5.00 -4.44 9.39
C PHE A 171 -4.41 -3.78 10.65
N GLY A 172 -5.26 -3.22 11.49
CA GLY A 172 -4.80 -2.60 12.72
C GLY A 172 -4.07 -1.27 12.66
N SER A 173 -3.52 -0.87 13.79
CA SER A 173 -2.79 0.38 13.92
C SER A 173 -1.82 0.75 12.80
N TRP A 174 -1.97 1.94 12.24
CA TRP A 174 -1.04 2.42 11.23
C TRP A 174 0.30 2.58 11.92
N PHE A 175 0.25 3.06 13.17
CA PHE A 175 1.44 3.28 13.99
C PHE A 175 2.25 2.00 14.17
N ASP A 176 1.61 0.97 14.70
CA ASP A 176 2.28 -0.31 14.89
C ASP A 176 2.91 -0.78 13.58
N HIS A 177 2.10 -0.85 12.53
CA HIS A 177 2.53 -1.29 11.23
C HIS A 177 3.86 -0.67 10.82
N ILE A 178 3.88 0.64 10.60
CA ILE A 178 5.10 1.29 10.18
C ILE A 178 6.25 1.13 11.18
N LYS A 179 5.94 1.11 12.48
CA LYS A 179 7.01 0.94 13.45
C LYS A 179 7.60 -0.45 13.30
N GLY A 180 6.78 -1.47 13.46
CA GLY A 180 7.25 -2.84 13.30
C GLY A 180 8.09 -3.06 12.04
N TRP A 181 7.51 -2.79 10.88
CA TRP A 181 8.24 -2.99 9.65
C TRP A 181 9.57 -2.25 9.59
N LEU A 182 9.60 -1.00 10.04
CA LEU A 182 10.85 -0.25 10.00
C LEU A 182 12.00 -0.99 10.69
N ARG A 183 11.68 -2.01 11.49
CA ARG A 183 12.71 -2.79 12.17
C ARG A 183 13.65 -3.48 11.17
N MET A 184 13.31 -3.41 9.88
CA MET A 184 14.12 -4.03 8.83
C MET A 184 15.06 -3.01 8.22
N LYS A 185 14.91 -1.74 8.59
CA LYS A 185 15.78 -0.69 8.06
C LYS A 185 17.20 -1.17 8.36
N GLY A 186 18.17 -0.74 7.57
CA GLY A 186 19.53 -1.20 7.80
C GLY A 186 19.85 -2.39 6.90
N LYS A 187 18.89 -3.30 6.73
CA LYS A 187 19.08 -4.48 5.87
C LYS A 187 19.19 -4.00 4.41
N ASP A 188 19.92 -4.77 3.62
CA ASP A 188 20.15 -4.43 2.22
C ASP A 188 19.12 -5.04 1.26
N ASN A 189 18.32 -5.99 1.77
CA ASN A 189 17.29 -6.62 0.96
C ASN A 189 15.97 -5.97 1.40
N PHE A 190 16.07 -4.70 1.78
CA PHE A 190 14.91 -3.93 2.25
C PHE A 190 15.08 -2.43 2.01
N LEU A 191 14.14 -1.89 1.22
CA LEU A 191 14.10 -0.48 0.87
C LEU A 191 12.82 0.12 1.44
N PHE A 192 12.97 1.26 2.11
CA PHE A 192 11.81 1.95 2.68
C PHE A 192 11.72 3.27 1.95
N ILE A 193 10.53 3.57 1.45
CA ILE A 193 10.34 4.81 0.75
C ILE A 193 8.93 5.33 1.02
N THR A 194 8.76 6.64 0.94
CA THR A 194 7.48 7.26 1.20
C THR A 194 6.78 7.85 -0.02
N TYR A 195 5.45 7.87 0.07
CA TYR A 195 4.60 8.39 -0.97
C TYR A 195 5.12 9.79 -1.33
N GLU A 196 5.26 10.64 -0.31
CA GLU A 196 5.75 11.99 -0.48
C GLU A 196 6.98 12.08 -1.40
N GLU A 197 7.92 11.17 -1.24
CA GLU A 197 9.12 11.18 -2.05
C GLU A 197 8.77 11.03 -3.53
N LEU A 198 8.07 9.95 -3.86
CA LEU A 198 7.65 9.74 -5.25
C LEU A 198 6.97 11.04 -5.72
N GLN A 199 6.10 11.57 -4.87
CA GLN A 199 5.37 12.81 -5.16
C GLN A 199 6.32 13.97 -5.43
N GLN A 200 7.40 14.05 -4.65
CA GLN A 200 8.40 15.10 -4.78
C GLN A 200 9.13 14.86 -6.08
N ASP A 201 10.04 13.89 -6.08
CA ASP A 201 10.78 13.57 -7.31
C ASP A 201 10.54 12.14 -7.75
N LEU A 202 9.52 11.95 -8.58
CA LEU A 202 9.21 10.60 -9.05
C LEU A 202 10.39 9.96 -9.79
N GLN A 203 10.91 10.64 -10.80
CA GLN A 203 12.02 10.08 -11.54
C GLN A 203 13.19 9.69 -10.63
N GLY A 204 13.49 10.53 -9.65
CA GLY A 204 14.58 10.24 -8.74
C GLY A 204 14.31 8.92 -8.05
N SER A 205 13.14 8.86 -7.43
CA SER A 205 12.70 7.67 -6.72
C SER A 205 12.79 6.45 -7.63
N VAL A 206 12.41 6.61 -8.89
CA VAL A 206 12.39 5.50 -9.82
C VAL A 206 13.79 4.92 -9.95
N GLU A 207 14.77 5.79 -10.12
CA GLU A 207 16.15 5.34 -10.27
C GLU A 207 16.50 4.56 -8.96
N ARG A 208 16.33 5.23 -7.84
CA ARG A 208 16.58 4.60 -6.56
C ARG A 208 15.96 3.22 -6.43
N ILE A 209 14.66 3.16 -6.62
CA ILE A 209 14.00 1.88 -6.51
C ILE A 209 14.60 0.97 -7.57
N CYS A 210 15.18 1.56 -8.63
CA CYS A 210 15.80 0.69 -9.65
C CYS A 210 17.10 0.13 -9.07
N GLY A 211 17.95 1.05 -8.61
CA GLY A 211 19.21 0.67 -8.01
C GLY A 211 18.96 -0.43 -6.99
N PHE A 212 17.96 -0.23 -6.14
CA PHE A 212 17.64 -1.22 -5.13
C PHE A 212 17.38 -2.62 -5.70
N LEU A 213 16.74 -2.67 -6.86
CA LEU A 213 16.42 -3.96 -7.48
C LEU A 213 17.46 -4.52 -8.46
N GLY A 214 18.62 -3.85 -8.54
CA GLY A 214 19.65 -4.29 -9.46
C GLY A 214 19.10 -4.34 -10.88
N ARG A 215 18.35 -3.30 -11.27
CA ARG A 215 17.77 -3.24 -12.60
C ARG A 215 17.82 -1.81 -13.09
N PRO A 216 18.92 -1.44 -13.77
CA PRO A 216 19.11 -0.08 -14.31
C PRO A 216 18.32 0.17 -15.60
N LEU A 217 18.23 1.44 -15.98
CA LEU A 217 17.50 1.82 -17.19
C LEU A 217 18.17 3.03 -17.83
N GLY A 218 17.98 3.17 -19.14
CA GLY A 218 18.54 4.30 -19.89
C GLY A 218 17.49 5.40 -20.00
N LYS A 219 17.94 6.65 -20.21
CA LYS A 219 17.04 7.80 -20.33
C LYS A 219 15.66 7.34 -20.84
N GLU A 220 15.67 6.72 -22.03
CA GLU A 220 14.47 6.18 -22.68
C GLU A 220 13.60 5.36 -21.72
N ALA A 221 14.13 4.23 -21.26
CA ALA A 221 13.41 3.35 -20.35
C ALA A 221 12.88 4.08 -19.11
N LEU A 222 13.78 4.67 -18.33
CA LEU A 222 13.42 5.40 -17.11
C LEU A 222 12.28 6.39 -17.40
N GLY A 223 12.56 7.29 -18.35
CA GLY A 223 11.60 8.30 -18.75
C GLY A 223 10.22 7.72 -19.05
N SER A 224 10.18 6.48 -19.55
CA SER A 224 8.93 5.80 -19.88
C SER A 224 8.20 5.45 -18.59
N VAL A 225 8.92 4.76 -17.71
CA VAL A 225 8.39 4.34 -16.42
C VAL A 225 7.80 5.56 -15.70
N VAL A 226 8.58 6.64 -15.68
CA VAL A 226 8.16 7.89 -15.05
C VAL A 226 6.80 8.33 -15.59
N ALA A 227 6.76 8.59 -16.90
CA ALA A 227 5.54 9.02 -17.58
C ALA A 227 4.35 8.08 -17.34
N HIS A 228 4.57 6.78 -17.52
CA HIS A 228 3.49 5.82 -17.32
C HIS A 228 3.02 5.63 -15.88
N SER A 229 3.82 6.07 -14.91
CA SER A 229 3.48 5.92 -13.49
C SER A 229 2.73 7.10 -12.88
N THR A 230 2.73 8.21 -13.60
CA THR A 230 2.06 9.43 -13.16
C THR A 230 0.58 9.22 -12.85
N PHE A 231 0.06 9.99 -11.89
CA PHE A 231 -1.34 9.85 -11.52
C PHE A 231 -2.24 9.79 -12.72
N SER A 232 -2.33 10.89 -13.46
CA SER A 232 -3.18 10.98 -14.64
C SER A 232 -3.06 9.74 -15.53
N ALA A 233 -1.83 9.43 -15.92
CA ALA A 233 -1.57 8.28 -16.78
C ALA A 233 -2.32 7.05 -16.24
N MET A 234 -2.01 6.67 -15.00
CA MET A 234 -2.63 5.51 -14.40
C MET A 234 -4.15 5.59 -14.32
N LYS A 235 -4.68 6.75 -13.97
CA LYS A 235 -6.11 6.90 -13.89
C LYS A 235 -6.69 6.75 -15.29
N ALA A 236 -5.81 6.78 -16.28
CA ALA A 236 -6.23 6.63 -17.66
C ALA A 236 -6.11 5.19 -18.15
N ASN A 237 -5.46 4.32 -17.36
CA ASN A 237 -5.29 2.93 -17.79
C ASN A 237 -6.20 1.92 -17.11
N THR A 238 -7.28 1.57 -17.80
CA THR A 238 -8.27 0.62 -17.30
C THR A 238 -7.72 -0.50 -16.42
N MET A 239 -6.64 -1.13 -16.88
CA MET A 239 -6.04 -2.23 -16.13
C MET A 239 -5.50 -1.79 -14.77
N SER A 240 -5.19 -0.51 -14.64
CA SER A 240 -4.64 0.00 -13.40
C SER A 240 -5.61 0.79 -12.49
N ASN A 241 -6.72 1.28 -13.05
CA ASN A 241 -7.67 2.07 -12.26
C ASN A 241 -8.78 1.29 -11.58
N TYR A 242 -8.63 -0.01 -11.49
CA TYR A 242 -9.61 -0.85 -10.80
C TYR A 242 -11.05 -0.81 -11.33
N THR A 243 -11.28 -0.13 -12.45
CA THR A 243 -12.62 -0.05 -13.03
C THR A 243 -13.12 -1.42 -13.45
N LEU A 244 -12.19 -2.36 -13.64
CA LEU A 244 -12.56 -3.71 -14.04
C LEU A 244 -13.01 -4.62 -12.89
N LEU A 245 -12.96 -4.12 -11.66
CA LEU A 245 -13.41 -4.92 -10.53
C LEU A 245 -14.95 -5.03 -10.61
N PRO A 246 -15.53 -6.07 -9.97
CA PRO A 246 -16.98 -6.30 -9.95
C PRO A 246 -17.60 -5.32 -8.95
N PRO A 247 -18.67 -4.61 -9.35
CA PRO A 247 -19.29 -3.64 -8.42
C PRO A 247 -19.50 -4.18 -7.01
N SER A 248 -19.54 -5.51 -6.90
CA SER A 248 -19.71 -6.16 -5.61
C SER A 248 -18.38 -6.10 -4.83
N LEU A 249 -17.58 -5.07 -5.13
CA LEU A 249 -16.27 -4.90 -4.51
C LEU A 249 -15.83 -3.44 -4.65
N LEU A 250 -16.45 -2.75 -5.59
CA LEU A 250 -16.15 -1.35 -5.85
C LEU A 250 -17.36 -0.83 -6.60
N ASP A 251 -17.84 0.35 -6.22
CA ASP A 251 -19.02 0.93 -6.88
C ASP A 251 -18.66 2.07 -7.83
N HIS A 252 -18.43 1.69 -9.09
CA HIS A 252 -18.06 2.61 -10.17
C HIS A 252 -19.06 3.74 -10.38
N ARG A 253 -20.35 3.41 -10.25
CA ARG A 253 -21.41 4.40 -10.42
C ARG A 253 -21.19 5.58 -9.43
N ARG A 254 -20.64 5.28 -8.25
CA ARG A 254 -20.40 6.30 -7.23
C ARG A 254 -19.05 7.02 -7.36
N GLY A 255 -17.97 6.44 -6.83
CA GLY A 255 -16.67 7.11 -6.92
C GLY A 255 -15.55 6.34 -7.62
N ALA A 256 -14.30 6.75 -7.38
CA ALA A 256 -13.12 6.11 -8.00
C ALA A 256 -11.96 5.72 -7.04
N PHE A 257 -11.26 4.64 -7.38
CA PHE A 257 -10.13 4.14 -6.59
C PHE A 257 -8.95 5.10 -6.62
N LEU A 258 -8.79 5.84 -7.71
CA LEU A 258 -7.70 6.81 -7.81
C LEU A 258 -8.34 8.17 -7.67
N ARG A 259 -8.62 8.53 -6.42
CA ARG A 259 -9.28 9.79 -6.05
C ARG A 259 -8.64 11.10 -6.53
N LYS A 260 -7.67 11.62 -5.78
CA LYS A 260 -7.03 12.88 -6.17
C LYS A 260 -5.57 12.66 -6.54
N GLY A 261 -4.92 11.81 -5.74
CA GLY A 261 -3.52 11.49 -5.97
C GLY A 261 -2.57 12.61 -5.58
N VAL A 262 -2.88 13.33 -4.51
CA VAL A 262 -2.00 14.41 -4.10
C VAL A 262 -1.51 14.34 -2.66
N CYS A 263 -0.52 15.18 -2.40
CA CYS A 263 0.11 15.29 -1.11
C CYS A 263 -0.69 16.26 -0.22
N GLY A 264 -1.01 15.83 1.00
CA GLY A 264 -1.71 16.70 1.94
C GLY A 264 -3.18 17.09 1.77
N ASP A 265 -3.99 16.17 1.25
CA ASP A 265 -5.41 16.46 1.09
C ASP A 265 -6.04 16.41 2.47
N TRP A 266 -5.25 15.99 3.45
CA TRP A 266 -5.76 15.89 4.80
C TRP A 266 -6.17 17.27 5.32
N LYS A 267 -5.42 18.30 4.93
CA LYS A 267 -5.73 19.66 5.36
C LYS A 267 -7.10 20.14 4.91
N ASN A 268 -7.74 19.40 4.01
CA ASN A 268 -9.05 19.78 3.52
C ASN A 268 -10.16 18.92 4.12
N HIS A 269 -9.78 18.10 5.09
CA HIS A 269 -10.74 17.23 5.73
C HIS A 269 -10.73 17.42 7.24
N PHE A 270 -9.55 17.31 7.85
CA PHE A 270 -9.40 17.48 9.30
C PHE A 270 -9.81 18.88 9.79
N THR A 271 -10.55 18.94 10.90
CA THR A 271 -10.88 20.25 11.44
C THR A 271 -9.65 20.47 12.34
N VAL A 272 -9.38 21.71 12.74
CA VAL A 272 -8.23 21.91 13.60
C VAL A 272 -8.31 20.94 14.82
N ALA A 273 -9.48 20.91 15.46
CA ALA A 273 -9.71 20.05 16.62
C ALA A 273 -9.15 18.65 16.40
N GLN A 274 -9.58 18.04 15.29
CA GLN A 274 -9.14 16.71 14.91
C GLN A 274 -7.64 16.75 14.62
N SER A 275 -7.21 17.72 13.82
CA SER A 275 -5.80 17.85 13.49
C SER A 275 -4.92 17.96 14.74
N GLU A 276 -5.46 18.49 15.84
CA GLU A 276 -4.65 18.62 17.05
C GLU A 276 -4.65 17.30 17.80
N ALA A 277 -5.84 16.77 18.04
CA ALA A 277 -5.97 15.51 18.74
C ALA A 277 -5.11 14.47 18.03
N PHE A 278 -5.02 14.58 16.70
CA PHE A 278 -4.21 13.63 15.97
C PHE A 278 -2.76 13.79 16.38
N ASP A 279 -2.20 15.00 16.25
CA ASP A 279 -0.81 15.26 16.63
C ASP A 279 -0.56 14.68 18.03
N ARG A 280 -1.56 14.79 18.89
CA ARG A 280 -1.42 14.27 20.21
C ARG A 280 -1.18 12.78 20.11
N ALA A 281 -2.20 12.04 19.69
CA ALA A 281 -2.06 10.59 19.54
C ALA A 281 -0.75 10.23 18.82
N TYR A 282 -0.51 10.91 17.70
CA TYR A 282 0.68 10.63 16.92
C TYR A 282 1.98 10.82 17.72
N ARG A 283 2.04 11.87 18.53
CA ARG A 283 3.24 12.13 19.34
C ARG A 283 3.46 11.02 20.37
N LYS A 284 2.37 10.60 21.01
CA LYS A 284 2.44 9.55 22.03
C LYS A 284 2.55 8.15 21.41
N GLN A 285 2.90 8.07 20.12
CA GLN A 285 3.00 6.79 19.42
C GLN A 285 4.28 6.68 18.64
N MET A 286 4.74 7.81 18.12
CA MET A 286 5.96 7.83 17.34
C MET A 286 7.07 8.41 18.20
N ARG A 287 6.94 8.15 19.50
CA ARG A 287 7.87 8.57 20.53
C ARG A 287 9.24 9.01 20.02
N GLY A 288 10.15 8.06 19.83
CA GLY A 288 11.47 8.44 19.36
C GLY A 288 11.81 7.96 17.96
N MET A 289 10.82 7.99 17.06
CA MET A 289 11.03 7.56 15.67
C MET A 289 11.78 8.64 14.90
N PRO A 290 12.44 8.26 13.80
CA PRO A 290 13.17 9.29 13.04
C PRO A 290 12.18 10.22 12.33
N THR A 291 12.61 11.44 12.03
CA THR A 291 11.74 12.39 11.35
C THR A 291 11.34 11.85 9.98
N PHE A 292 10.04 11.72 9.75
CA PHE A 292 9.58 11.22 8.46
C PHE A 292 9.40 12.42 7.53
N PRO A 293 9.38 12.18 6.21
CA PRO A 293 9.23 13.25 5.22
C PRO A 293 8.11 14.22 5.60
N TRP A 294 6.93 13.64 5.79
CA TRP A 294 5.74 14.40 6.12
C TRP A 294 5.74 15.13 7.47
N ASP A 295 6.57 14.72 8.42
CA ASP A 295 6.60 15.42 9.73
C ASP A 295 7.02 16.88 9.57
N GLU A 296 6.09 17.80 9.88
CA GLU A 296 6.37 19.23 9.77
C GLU A 296 6.63 19.86 11.15
NA NA B . -18.83 0.27 1.92
P1 A3P C . -6.13 9.25 -2.77
O1P A3P C . -7.35 8.67 -2.11
O2P A3P C . -6.42 9.59 -4.16
O3P A3P C . -5.61 10.44 -2.05
P2 A3P C . -3.46 2.04 -2.20
O4P A3P C . -4.86 1.78 -1.70
O5P A3P C . -3.20 1.26 -3.44
O6P A3P C . -2.46 1.70 -1.16
O5' A3P C . -3.30 3.60 -2.55
C5' A3P C . -4.42 4.44 -2.84
C4' A3P C . -4.00 5.91 -2.84
O4' A3P C . -2.83 6.09 -3.69
C3' A3P C . -5.05 6.85 -3.42
O3' A3P C . -4.98 8.12 -2.73
C2' A3P C . -4.62 6.85 -4.88
O2' A3P C . -5.18 7.83 -5.72
C1' A3P C . -3.12 7.02 -4.71
N9 A3P C . -2.37 6.78 -5.94
C8 A3P C . -2.35 5.66 -6.74
N7 A3P C . -1.56 5.76 -7.78
C5 A3P C . -1.04 7.02 -7.67
C6 A3P C . -0.12 7.75 -8.47
N6 A3P C . 0.42 7.26 -9.58
N1 A3P C . 0.21 9.03 -8.08
C2 A3P C . -0.35 9.54 -6.96
N3 A3P C . -1.22 8.93 -6.11
C4 A3P C . -1.53 7.67 -6.53
C3' NHE D . -11.91 11.41 9.78
C2' NHE D . -12.67 12.58 9.41
C1' NHE D . -12.47 13.22 8.15
C6' NHE D . -11.49 12.67 7.21
N NHE D . -13.24 14.39 7.85
C1 NHE D . -13.99 14.39 6.60
C2 NHE D . -14.68 15.69 6.47
S NHE D . -15.55 15.58 4.93
O1 NHE D . -16.68 14.32 4.94
O2 NHE D . -16.36 17.03 4.68
O3 NHE D . -14.39 15.25 3.76
C5' NHE D . -10.74 11.50 7.58
C4' NHE D . -10.95 10.89 8.85
C3' NHE E . -7.50 -7.99 -3.75
C2' NHE E . -7.10 -6.89 -2.85
C1' NHE E . -7.59 -5.50 -3.09
C6' NHE E . -8.51 -5.25 -4.27
N NHE E . -7.18 -4.41 -2.19
C1 NHE E . -7.85 -4.31 -0.87
C2 NHE E . -7.36 -3.13 -0.05
S NHE E . -8.21 -3.07 1.57
O1 NHE E . -7.97 -4.43 2.50
O2 NHE E . -7.60 -1.76 2.40
O3 NHE E . -9.86 -2.91 1.34
C5' NHE E . -8.91 -6.37 -5.15
C4' NHE E . -8.40 -7.73 -4.89
#